data_8EFG
#
_entry.id   8EFG
#
_cell.length_a   55.880
_cell.length_b   76.510
_cell.length_c   77.360
_cell.angle_alpha   90.000
_cell.angle_beta   90.000
_cell.angle_gamma   90.000
#
_symmetry.space_group_name_H-M   'P 21 21 21'
#
loop_
_entity.id
_entity.type
_entity.pdbx_description
1 polymer 'Deoxyribonuclease TATDN1'
2 non-polymer 'ZINC ION'
3 non-polymer 'SODIUM ION'
4 non-polymer GLYCEROL
5 non-polymer "2'-DEOXYADENOSINE-5'-MONOPHOSPHATE"
6 non-polymer (2R,3S,5R)-5-(6-amino-9H-purin-9-yl)-tetrahydro-2-(hydroxymethyl)furan-3-ol
7 non-polymer ADENINE
8 water water
#
_entity_poly.entity_id   1
_entity_poly.type   'polypeptide(L)'
_entity_poly.pdbx_seq_one_letter_code
;SRFKFIDIGINLTDPMFRGIYRGVQKHQDDLQDVIGRAVEIGVKKFMITGGNLQDSKDALHLAQTNGMFFSTVGCHPTRC
GEFEKNNPDLYLKELLNLAENNKGKVVAIGECGLDFDRLQFCPKDTQLKYFEKQFELSEQTKLPMFLHCRNSHAEFLDIM
KRNRDRCVGGVVHSFDGTKEAAAALIDLDLYIGFNGCSLKTEANLEVLKSIPSEKLMIETDAPWCGVKSTHAGSKYIRTA
FPTKKKWESGHCLKDRNEPCHIIQILEIMSAVRDEDPLELANTLYNNTIKVFFPG
;
_entity_poly.pdbx_strand_id   A
#
# COMPACT_ATOMS: atom_id res chain seq x y z
N SER A 1 9.65 5.53 -18.23
CA SER A 1 10.02 5.37 -19.67
C SER A 1 10.61 3.97 -19.88
N ARG A 2 11.80 3.71 -19.34
CA ARG A 2 12.41 2.35 -19.43
C ARG A 2 11.59 1.37 -18.60
N PHE A 3 11.39 1.70 -17.32
CA PHE A 3 10.64 0.82 -16.40
C PHE A 3 9.16 1.18 -16.35
N LYS A 4 8.32 0.21 -15.98
CA LYS A 4 6.88 0.50 -15.78
C LYS A 4 6.52 0.03 -14.36
N PHE A 5 5.71 0.83 -13.67
CA PHE A 5 5.37 0.47 -12.28
C PHE A 5 3.90 0.67 -11.94
N ILE A 6 3.41 -0.13 -11.01
CA ILE A 6 2.07 0.12 -10.42
C ILE A 6 2.35 0.29 -8.94
N ASP A 7 2.15 1.50 -8.41
CA ASP A 7 2.31 1.72 -6.95
C ASP A 7 1.05 1.15 -6.27
N ILE A 8 1.20 0.02 -5.57
CA ILE A 8 0.00 -0.66 -5.00
C ILE A 8 -0.52 0.06 -3.76
N GLY A 9 0.23 1.05 -3.26
CA GLY A 9 -0.26 1.82 -2.12
C GLY A 9 0.38 3.20 -2.02
N ILE A 10 -0.30 4.19 -2.58
CA ILE A 10 0.19 5.60 -2.52
C ILE A 10 -0.92 6.42 -1.85
N ASN A 11 -0.59 7.14 -0.78
CA ASN A 11 -1.57 7.97 -0.06
C ASN A 11 -1.69 9.33 -0.75
N LEU A 12 -2.24 9.34 -1.96
CA LEU A 12 -2.30 10.60 -2.76
C LEU A 12 -3.26 11.62 -2.13
N THR A 13 -4.13 11.20 -1.22
CA THR A 13 -5.06 12.10 -0.50
C THR A 13 -4.31 12.79 0.63
N ASP A 14 -3.07 12.39 0.95
CA ASP A 14 -2.42 12.98 2.15
C ASP A 14 -2.25 14.49 2.01
N PRO A 15 -2.58 15.29 3.06
CA PRO A 15 -2.45 16.75 2.96
C PRO A 15 -1.03 17.23 2.59
N MET A 16 0.02 16.43 2.86
CA MET A 16 1.38 16.90 2.51
C MET A 16 1.52 17.19 1.01
N PHE A 17 0.82 16.46 0.14
CA PHE A 17 0.89 16.68 -1.31
C PHE A 17 0.12 17.95 -1.68
N ARG A 18 -0.66 18.52 -0.78
CA ARG A 18 -1.26 19.86 -1.02
C ARG A 18 -0.49 20.92 -0.22
N GLY A 19 0.71 20.61 0.28
CA GLY A 19 1.53 21.61 0.96
C GLY A 19 1.17 21.84 2.42
N ILE A 20 0.41 20.93 3.02
CA ILE A 20 -0.06 21.08 4.43
C ILE A 20 0.64 20.06 5.32
N TYR A 21 1.28 20.58 6.37
CA TYR A 21 2.04 19.71 7.30
C TYR A 21 1.59 20.07 8.71
N ARG A 22 1.08 19.09 9.44
CA ARG A 22 0.58 19.34 10.82
C ARG A 22 -0.46 20.47 10.79
N GLY A 23 -1.37 20.45 9.83
CA GLY A 23 -2.47 21.44 9.78
C GLY A 23 -2.03 22.84 9.39
N VAL A 24 -0.81 22.97 8.88
CA VAL A 24 -0.29 24.30 8.51
C VAL A 24 0.10 24.30 7.03
N GLN A 25 -0.34 25.30 6.28
CA GLN A 25 0.07 25.46 4.86
C GLN A 25 1.50 25.97 4.83
N LYS A 26 2.44 25.13 4.40
CA LYS A 26 3.88 25.52 4.38
C LYS A 26 4.31 25.92 2.97
N HIS A 27 3.67 25.34 1.96
CA HIS A 27 4.05 25.64 0.57
C HIS A 27 2.88 25.42 -0.39
N GLN A 28 3.08 25.82 -1.63
CA GLN A 28 1.99 25.71 -2.63
C GLN A 28 1.67 24.25 -2.92
N ASP A 29 0.40 23.99 -3.19
CA ASP A 29 -0.05 22.63 -3.58
C ASP A 29 0.77 22.20 -4.80
N ASP A 30 1.50 21.09 -4.67
CA ASP A 30 2.36 20.61 -5.77
C ASP A 30 1.96 19.17 -6.18
N LEU A 31 0.73 18.80 -5.89
CA LEU A 31 0.26 17.42 -6.20
C LEU A 31 0.50 17.08 -7.69
N GLN A 32 0.16 18.01 -8.58
CA GLN A 32 0.30 17.68 -10.02
C GLN A 32 1.78 17.46 -10.36
N ASP A 33 2.65 18.26 -9.73
CA ASP A 33 4.11 18.08 -9.99
C ASP A 33 4.56 16.71 -9.45
N VAL A 34 4.06 16.34 -8.27
CA VAL A 34 4.38 15.02 -7.67
C VAL A 34 3.89 13.92 -8.60
N ILE A 35 2.67 14.01 -9.07
CA ILE A 35 2.18 13.00 -10.01
C ILE A 35 3.09 12.96 -11.25
N GLY A 36 3.44 14.13 -11.78
CA GLY A 36 4.22 14.15 -13.03
C GLY A 36 5.57 13.48 -12.90
N ARG A 37 6.27 13.75 -11.80
CA ARG A 37 7.60 13.13 -11.55
C ARG A 37 7.47 11.60 -11.56
N ALA A 38 6.39 11.09 -10.98
CA ALA A 38 6.18 9.62 -10.94
C ALA A 38 5.88 9.09 -12.35
N VAL A 39 5.02 9.79 -13.08
CA VAL A 39 4.75 9.39 -14.48
C VAL A 39 6.07 9.34 -15.25
N GLU A 40 6.91 10.35 -15.07
CA GLU A 40 8.17 10.41 -15.87
C GLU A 40 9.14 9.28 -15.48
N ILE A 41 9.01 8.74 -14.28
CA ILE A 41 9.88 7.62 -13.82
C ILE A 41 9.28 6.28 -14.26
N GLY A 42 8.01 6.29 -14.69
CA GLY A 42 7.40 5.06 -15.22
C GLY A 42 6.18 4.55 -14.47
N VAL A 43 5.65 5.34 -13.54
CA VAL A 43 4.40 4.92 -12.83
C VAL A 43 3.22 4.99 -13.79
N LYS A 44 2.61 3.86 -14.08
CA LYS A 44 1.48 3.76 -15.02
C LYS A 44 0.13 3.77 -14.32
N LYS A 45 0.05 3.24 -13.10
CA LYS A 45 -1.20 3.18 -12.33
C LYS A 45 -0.84 3.46 -10.88
N PHE A 46 -1.73 4.16 -10.21
CA PHE A 46 -1.60 4.56 -8.79
C PHE A 46 -2.78 3.99 -8.03
N MET A 47 -2.49 3.12 -7.07
CA MET A 47 -3.59 2.62 -6.20
C MET A 47 -3.64 3.51 -4.95
N ILE A 48 -4.64 4.41 -4.90
CA ILE A 48 -4.78 5.38 -3.77
C ILE A 48 -5.43 4.65 -2.60
N THR A 49 -4.67 4.49 -1.54
CA THR A 49 -5.14 3.68 -0.40
C THR A 49 -6.20 4.39 0.44
N GLY A 50 -7.33 3.73 0.63
CA GLY A 50 -8.34 4.17 1.60
C GLY A 50 -8.08 3.57 2.97
N GLY A 51 -8.27 4.36 4.03
CA GLY A 51 -8.03 3.82 5.40
C GLY A 51 -9.21 3.87 6.37
N ASN A 52 -10.33 4.40 5.89
CA ASN A 52 -11.61 4.41 6.66
C ASN A 52 -12.71 4.80 5.67
N LEU A 53 -13.95 4.92 6.13
CA LEU A 53 -15.06 5.18 5.18
C LEU A 53 -14.85 6.52 4.49
N GLN A 54 -14.61 7.57 5.26
CA GLN A 54 -14.49 8.91 4.64
C GLN A 54 -13.22 8.98 3.79
N ASP A 55 -12.10 8.44 4.31
CA ASP A 55 -10.88 8.45 3.48
C ASP A 55 -11.01 7.55 2.23
N SER A 56 -11.84 6.50 2.26
CA SER A 56 -12.13 5.68 1.06
C SER A 56 -12.93 6.52 0.06
N LYS A 57 -13.88 7.32 0.57
CA LYS A 57 -14.66 8.23 -0.33
C LYS A 57 -13.70 9.23 -0.96
N ASP A 58 -12.79 9.80 -0.16
CA ASP A 58 -11.85 10.82 -0.64
C ASP A 58 -10.91 10.21 -1.67
N ALA A 59 -10.44 8.97 -1.42
CA ALA A 59 -9.55 8.29 -2.35
C ALA A 59 -10.27 8.04 -3.68
N LEU A 60 -11.54 7.61 -3.62
CA LEU A 60 -12.31 7.34 -4.88
C LEU A 60 -12.49 8.68 -5.65
N HIS A 61 -12.84 9.73 -4.94
CA HIS A 61 -13.10 11.05 -5.60
CA HIS A 61 -13.10 11.06 -5.58
C HIS A 61 -11.82 11.57 -6.28
N LEU A 62 -10.68 11.40 -5.63
CA LEU A 62 -9.42 11.75 -6.31
C LEU A 62 -9.13 10.79 -7.47
N ALA A 63 -9.37 9.50 -7.28
CA ALA A 63 -9.17 8.53 -8.36
C ALA A 63 -10.03 8.88 -9.59
N GLN A 64 -11.22 9.46 -9.38
CA GLN A 64 -12.11 9.81 -10.52
C GLN A 64 -11.49 10.96 -11.33
N THR A 65 -10.46 11.63 -10.86
CA THR A 65 -9.84 12.75 -11.61
C THR A 65 -8.87 12.29 -12.70
N ASN A 66 -8.49 11.01 -12.77
CA ASN A 66 -7.40 10.62 -13.68
C ASN A 66 -7.47 9.13 -14.00
N GLY A 67 -7.34 8.76 -15.28
CA GLY A 67 -7.50 7.37 -15.70
C GLY A 67 -6.37 6.45 -15.22
N MET A 68 -5.30 7.05 -14.69
CA MET A 68 -4.18 6.26 -14.11
C MET A 68 -4.48 5.94 -12.66
N PHE A 69 -5.52 6.54 -12.10
CA PHE A 69 -5.77 6.41 -10.64
C PHE A 69 -6.84 5.38 -10.31
N PHE A 70 -6.61 4.65 -9.22
CA PHE A 70 -7.57 3.64 -8.72
C PHE A 70 -7.58 3.80 -7.20
N SER A 71 -8.49 3.10 -6.53
CA SER A 71 -8.62 3.31 -5.06
C SER A 71 -8.94 2.01 -4.38
N THR A 72 -8.87 2.00 -3.06
CA THR A 72 -9.25 0.86 -2.20
C THR A 72 -10.37 1.31 -1.28
N VAL A 73 -11.16 0.38 -0.81
CA VAL A 73 -12.20 0.65 0.21
C VAL A 73 -11.99 -0.28 1.39
N GLY A 74 -11.87 0.30 2.61
CA GLY A 74 -11.73 -0.49 3.82
C GLY A 74 -11.40 0.36 5.06
N CYS A 75 -11.15 -0.33 6.15
CA CYS A 75 -10.85 0.36 7.42
C CYS A 75 -9.53 -0.16 7.97
N HIS A 76 -8.57 0.72 8.06
CA HIS A 76 -7.21 0.41 8.60
C HIS A 76 -7.33 -0.06 10.03
N PRO A 77 -6.45 -0.96 10.50
CA PRO A 77 -6.52 -1.44 11.87
C PRO A 77 -6.53 -0.26 12.86
N THR A 78 -5.79 0.80 12.57
CA THR A 78 -5.69 1.93 13.55
C THR A 78 -7.00 2.73 13.60
N ARG A 79 -7.90 2.48 12.66
CA ARG A 79 -9.16 3.24 12.58
CA ARG A 79 -9.17 3.25 12.58
C ARG A 79 -10.45 2.42 12.79
N CYS A 80 -10.26 1.18 13.22
CA CYS A 80 -11.40 0.25 13.39
C CYS A 80 -12.29 0.65 14.59
N GLY A 81 -11.90 1.65 15.36
CA GLY A 81 -12.81 2.15 16.41
C GLY A 81 -13.99 2.86 15.79
N GLU A 82 -13.88 3.17 14.49
CA GLU A 82 -14.97 3.90 13.79
C GLU A 82 -16.21 3.00 13.67
N PHE A 83 -16.02 1.70 13.61
CA PHE A 83 -17.17 0.78 13.49
C PHE A 83 -18.12 0.97 14.68
N GLU A 84 -17.56 1.11 15.89
CA GLU A 84 -18.43 1.16 17.09
C GLU A 84 -18.72 2.60 17.53
N LYS A 85 -18.16 3.60 16.86
CA LYS A 85 -18.53 4.99 17.18
C LYS A 85 -20.03 5.12 16.92
N ASN A 86 -20.50 4.43 15.89
CA ASN A 86 -21.96 4.44 15.57
C ASN A 86 -22.43 3.00 15.40
N ASN A 87 -23.03 2.68 14.26
CA ASN A 87 -23.57 1.31 14.05
C ASN A 87 -22.57 0.53 13.21
N PRO A 88 -21.93 -0.52 13.75
CA PRO A 88 -20.89 -1.25 13.03
C PRO A 88 -21.45 -1.98 11.79
N ASP A 89 -22.70 -2.42 11.88
CA ASP A 89 -23.34 -3.10 10.73
C ASP A 89 -23.57 -2.07 9.62
N LEU A 90 -23.97 -0.85 10.00
CA LEU A 90 -24.20 0.21 9.00
C LEU A 90 -22.87 0.68 8.41
N TYR A 91 -21.84 0.78 9.24
CA TYR A 91 -20.52 1.25 8.74
C TYR A 91 -20.02 0.25 7.70
N LEU A 92 -20.15 -1.04 8.00
CA LEU A 92 -19.75 -2.10 7.03
CA LEU A 92 -19.74 -2.09 7.03
C LEU A 92 -20.52 -1.99 5.70
N LYS A 93 -21.84 -1.78 5.82
CA LYS A 93 -22.69 -1.65 4.60
C LYS A 93 -22.26 -0.44 3.75
N GLU A 94 -21.91 0.66 4.42
CA GLU A 94 -21.48 1.88 3.70
C GLU A 94 -20.18 1.59 2.92
N LEU A 95 -19.27 0.83 3.53
CA LEU A 95 -18.04 0.43 2.80
C LEU A 95 -18.44 -0.46 1.62
N LEU A 96 -19.30 -1.44 1.87
CA LEU A 96 -19.71 -2.39 0.79
C LEU A 96 -20.32 -1.61 -0.37
N ASN A 97 -21.25 -0.71 -0.06
CA ASN A 97 -21.96 0.02 -1.14
C ASN A 97 -20.95 0.83 -1.93
N LEU A 98 -20.01 1.51 -1.23
CA LEU A 98 -19.00 2.33 -1.92
C LEU A 98 -18.16 1.50 -2.88
N ALA A 99 -17.74 0.31 -2.44
CA ALA A 99 -16.94 -0.61 -3.27
C ALA A 99 -17.81 -1.14 -4.41
N GLU A 100 -19.00 -1.64 -4.07
CA GLU A 100 -19.86 -2.33 -5.07
CA GLU A 100 -19.91 -2.31 -5.04
C GLU A 100 -20.28 -1.35 -6.17
N ASN A 101 -20.52 -0.08 -5.85
CA ASN A 101 -21.05 0.90 -6.81
C ASN A 101 -19.96 1.59 -7.62
N ASN A 102 -18.69 1.22 -7.44
CA ASN A 102 -17.60 1.96 -8.10
C ASN A 102 -16.57 0.96 -8.62
N LYS A 103 -17.03 -0.17 -9.11
CA LYS A 103 -16.15 -1.17 -9.75
C LYS A 103 -15.44 -0.47 -10.89
N GLY A 104 -14.20 -0.84 -11.19
CA GLY A 104 -13.47 -0.07 -12.22
C GLY A 104 -12.50 0.88 -11.56
N LYS A 105 -12.99 1.78 -10.71
CA LYS A 105 -12.05 2.64 -9.92
C LYS A 105 -11.63 1.90 -8.64
N VAL A 106 -12.56 1.30 -7.92
CA VAL A 106 -12.22 0.58 -6.67
C VAL A 106 -11.70 -0.81 -7.07
N VAL A 107 -10.46 -1.14 -6.71
CA VAL A 107 -9.79 -2.39 -7.17
C VAL A 107 -9.40 -3.29 -6.02
N ALA A 108 -9.62 -2.84 -4.78
CA ALA A 108 -9.28 -3.72 -3.65
C ALA A 108 -10.07 -3.40 -2.38
N ILE A 109 -10.19 -4.42 -1.53
CA ILE A 109 -10.75 -4.20 -0.18
C ILE A 109 -9.53 -3.94 0.72
N GLY A 110 -9.54 -2.83 1.42
CA GLY A 110 -8.41 -2.46 2.29
C GLY A 110 -8.26 -0.96 2.23
N GLU A 111 -7.30 -0.40 2.97
CA GLU A 111 -6.30 -1.18 3.73
C GLU A 111 -6.94 -1.77 4.99
N CYS A 112 -6.68 -3.04 5.25
CA CYS A 112 -7.20 -3.68 6.48
C CYS A 112 -6.15 -4.69 6.97
N GLY A 113 -6.32 -5.13 8.22
CA GLY A 113 -5.35 -6.09 8.80
C GLY A 113 -5.14 -5.82 10.28
N LEU A 114 -3.89 -5.96 10.74
CA LEU A 114 -3.62 -5.81 12.20
C LEU A 114 -2.33 -5.00 12.37
N ASP A 115 -2.30 -4.15 13.37
CA ASP A 115 -1.05 -3.43 13.71
C ASP A 115 -0.95 -3.34 15.22
N PHE A 116 -0.24 -4.28 15.82
CA PHE A 116 -0.15 -4.36 17.29
C PHE A 116 1.01 -3.49 17.78
N ASP A 117 1.56 -2.64 16.93
CA ASP A 117 2.52 -1.58 17.34
C ASP A 117 1.80 -0.24 17.42
N ARG A 118 0.51 -0.19 17.10
CA ARG A 118 -0.25 1.07 17.24
C ARG A 118 -1.56 0.84 18.01
N LEU A 119 -1.48 0.11 19.11
CA LEU A 119 -2.69 -0.20 19.91
C LEU A 119 -3.20 1.04 20.65
N GLN A 120 -2.40 2.12 20.66
CA GLN A 120 -2.85 3.37 21.28
C GLN A 120 -3.97 3.97 20.43
N PHE A 121 -4.06 3.56 19.17
CA PHE A 121 -5.09 4.12 18.25
C PHE A 121 -6.32 3.20 18.19
N CYS A 122 -6.11 1.88 18.36
CA CYS A 122 -7.22 0.92 18.33
C CYS A 122 -6.79 -0.33 19.02
N PRO A 123 -7.52 -0.78 20.09
CA PRO A 123 -7.09 -1.93 20.86
C PRO A 123 -7.17 -3.25 20.10
N LYS A 124 -6.49 -4.28 20.59
CA LYS A 124 -6.41 -5.57 19.88
C LYS A 124 -7.79 -6.17 19.59
N ASP A 125 -8.67 -6.20 20.59
CA ASP A 125 -9.97 -6.90 20.39
C ASP A 125 -10.74 -6.24 19.24
N THR A 126 -10.75 -4.91 19.20
CA THR A 126 -11.45 -4.18 18.12
C THR A 126 -10.75 -4.47 16.79
N GLN A 127 -9.42 -4.42 16.79
CA GLN A 127 -8.68 -4.70 15.52
C GLN A 127 -9.06 -6.10 15.02
N LEU A 128 -8.98 -7.10 15.87
CA LEU A 128 -9.23 -8.49 15.43
C LEU A 128 -10.67 -8.61 14.89
N LYS A 129 -11.64 -8.03 15.59
CA LYS A 129 -13.05 -8.17 15.18
C LYS A 129 -13.32 -7.51 13.83
N TYR A 130 -12.84 -6.29 13.64
CA TYR A 130 -13.23 -5.53 12.42
C TYR A 130 -12.33 -5.85 11.22
N PHE A 131 -11.17 -6.44 11.47
CA PHE A 131 -10.38 -6.94 10.31
C PHE A 131 -11.18 -8.12 9.75
N GLU A 132 -11.53 -9.06 10.61
CA GLU A 132 -12.24 -10.29 10.16
C GLU A 132 -13.59 -9.93 9.52
N LYS A 133 -14.24 -8.89 10.02
CA LYS A 133 -15.57 -8.49 9.47
C LYS A 133 -15.44 -8.05 8.01
N GLN A 134 -14.27 -7.56 7.61
CA GLN A 134 -14.11 -7.00 6.24
C GLN A 134 -14.02 -8.14 5.20
N PHE A 135 -13.96 -9.39 5.69
CA PHE A 135 -14.05 -10.52 4.72
C PHE A 135 -15.46 -10.56 4.12
N GLU A 136 -16.42 -9.89 4.75
CA GLU A 136 -17.78 -9.76 4.15
C GLU A 136 -17.67 -8.89 2.90
N LEU A 137 -16.79 -7.89 2.92
CA LEU A 137 -16.57 -7.02 1.76
C LEU A 137 -15.90 -7.83 0.64
N SER A 138 -14.83 -8.53 0.97
CA SER A 138 -14.05 -9.31 -0.02
C SER A 138 -14.94 -10.39 -0.65
N GLU A 139 -15.74 -11.06 0.15
CA GLU A 139 -16.56 -12.22 -0.36
CA GLU A 139 -16.54 -12.22 -0.39
C GLU A 139 -17.65 -11.70 -1.31
N GLN A 140 -18.25 -10.57 -0.99
CA GLN A 140 -19.38 -10.04 -1.79
C GLN A 140 -18.90 -9.32 -3.05
N THR A 141 -17.81 -8.55 -2.95
CA THR A 141 -17.34 -7.76 -4.10
C THR A 141 -16.49 -8.60 -5.08
N LYS A 142 -15.90 -9.68 -4.62
CA LYS A 142 -14.90 -10.49 -5.34
C LYS A 142 -13.66 -9.65 -5.67
N LEU A 143 -13.34 -8.68 -4.81
CA LEU A 143 -12.12 -7.85 -4.97
C LEU A 143 -11.03 -8.40 -4.08
N PRO A 144 -9.79 -8.38 -4.58
CA PRO A 144 -8.65 -8.82 -3.77
C PRO A 144 -8.40 -7.83 -2.63
N MET A 145 -7.68 -8.33 -1.63
CA MET A 145 -7.41 -7.55 -0.39
C MET A 145 -6.04 -6.87 -0.44
N PHE A 146 -5.99 -5.69 0.17
CA PHE A 146 -4.72 -4.96 0.40
C PHE A 146 -4.52 -5.03 1.91
N LEU A 147 -3.53 -5.77 2.36
CA LEU A 147 -3.44 -6.11 3.79
C LEU A 147 -2.22 -5.53 4.51
N HIS A 148 -2.42 -5.29 5.79
CA HIS A 148 -1.35 -4.75 6.66
C HIS A 148 -1.17 -5.72 7.82
N CYS A 149 0.09 -5.99 8.17
CA CYS A 149 0.39 -6.91 9.26
C CYS A 149 1.64 -6.39 9.96
N ARG A 150 1.51 -5.88 11.18
CA ARG A 150 2.66 -5.38 11.98
C ARG A 150 2.55 -5.98 13.37
N ASN A 151 3.63 -6.64 13.80
CA ASN A 151 3.78 -7.23 15.15
C ASN A 151 2.54 -8.09 15.49
N SER A 152 2.08 -8.86 14.53
CA SER A 152 0.77 -9.57 14.66
C SER A 152 0.74 -10.82 13.80
N HIS A 153 1.87 -11.43 13.47
CA HIS A 153 1.87 -12.48 12.42
C HIS A 153 0.98 -13.66 12.80
N ALA A 154 1.06 -14.16 14.02
CA ALA A 154 0.24 -15.34 14.40
C ALA A 154 -1.25 -15.01 14.29
N GLU A 155 -1.66 -13.86 14.80
CA GLU A 155 -3.08 -13.48 14.88
C GLU A 155 -3.57 -13.28 13.44
N PHE A 156 -2.73 -12.66 12.61
CA PHE A 156 -3.07 -12.34 11.21
C PHE A 156 -3.23 -13.65 10.43
N LEU A 157 -2.25 -14.52 10.59
CA LEU A 157 -2.23 -15.80 9.83
C LEU A 157 -3.46 -16.63 10.22
N ASP A 158 -3.85 -16.63 11.51
CA ASP A 158 -5.07 -17.37 11.96
C ASP A 158 -6.30 -16.85 11.22
N ILE A 159 -6.48 -15.54 11.16
CA ILE A 159 -7.65 -14.94 10.46
C ILE A 159 -7.56 -15.27 8.97
N MET A 160 -6.39 -15.11 8.36
CA MET A 160 -6.27 -15.37 6.90
C MET A 160 -6.55 -16.85 6.62
N LYS A 161 -6.04 -17.77 7.44
CA LYS A 161 -6.21 -19.21 7.16
C LYS A 161 -7.70 -19.53 7.26
N ARG A 162 -8.39 -19.03 8.28
CA ARG A 162 -9.81 -19.42 8.48
C ARG A 162 -10.70 -18.79 7.41
N ASN A 163 -10.28 -17.68 6.79
CA ASN A 163 -11.16 -16.86 5.93
C ASN A 163 -10.64 -16.81 4.50
N ARG A 164 -9.62 -17.59 4.17
CA ARG A 164 -8.93 -17.46 2.86
C ARG A 164 -9.92 -17.71 1.71
N ASP A 165 -10.87 -18.63 1.91
CA ASP A 165 -11.88 -18.92 0.87
C ASP A 165 -12.85 -17.74 0.66
N ARG A 166 -12.84 -16.72 1.53
CA ARG A 166 -13.75 -15.54 1.45
C ARG A 166 -13.08 -14.36 0.75
N CYS A 167 -11.97 -14.59 0.08
CA CYS A 167 -11.37 -13.55 -0.77
C CYS A 167 -10.72 -14.22 -1.98
N VAL A 168 -10.58 -13.47 -3.04
CA VAL A 168 -10.09 -13.98 -4.34
C VAL A 168 -8.55 -13.98 -4.30
N GLY A 169 -7.96 -13.39 -3.26
CA GLY A 169 -6.50 -13.29 -3.09
C GLY A 169 -6.12 -11.89 -2.64
N GLY A 170 -4.83 -11.57 -2.65
CA GLY A 170 -4.46 -10.26 -2.12
C GLY A 170 -2.96 -10.18 -1.82
N VAL A 171 -2.58 -9.04 -1.27
CA VAL A 171 -1.14 -8.78 -1.00
C VAL A 171 -0.97 -8.32 0.44
N VAL A 172 0.05 -8.86 1.10
CA VAL A 172 0.44 -8.34 2.43
C VAL A 172 1.47 -7.25 2.15
N HIS A 173 1.02 -6.01 2.24
CA HIS A 173 1.89 -4.86 1.90
C HIS A 173 2.84 -4.50 3.05
N SER A 174 3.84 -3.69 2.74
CA SER A 174 4.81 -3.23 3.76
C SER A 174 5.34 -4.44 4.53
N PHE A 175 5.61 -5.52 3.81
CA PHE A 175 6.00 -6.76 4.51
C PHE A 175 7.30 -6.55 5.27
N ASP A 176 7.31 -6.96 6.55
CA ASP A 176 8.56 -6.82 7.33
C ASP A 176 8.76 -8.02 8.26
N GLY A 177 8.25 -9.17 7.88
CA GLY A 177 8.31 -10.36 8.74
C GLY A 177 9.44 -11.30 8.40
N THR A 178 9.44 -12.44 9.08
CA THR A 178 10.52 -13.44 8.93
C THR A 178 10.38 -14.20 7.61
N LYS A 179 11.39 -15.01 7.28
CA LYS A 179 11.32 -15.93 6.12
C LYS A 179 10.12 -16.88 6.29
N GLU A 180 9.95 -17.36 7.52
CA GLU A 180 8.87 -18.34 7.80
C GLU A 180 7.51 -17.66 7.62
N ALA A 181 7.40 -16.39 8.02
CA ALA A 181 6.14 -15.62 7.87
C ALA A 181 5.85 -15.48 6.37
N ALA A 182 6.88 -15.12 5.58
CA ALA A 182 6.67 -14.94 4.14
C ALA A 182 6.20 -16.25 3.52
N ALA A 183 6.86 -17.34 3.88
CA ALA A 183 6.48 -18.69 3.40
C ALA A 183 5.04 -19.06 3.75
N ALA A 184 4.60 -18.72 4.95
CA ALA A 184 3.24 -19.03 5.39
C ALA A 184 2.21 -18.22 4.58
N LEU A 185 2.56 -16.97 4.22
CA LEU A 185 1.67 -16.16 3.39
C LEU A 185 1.66 -16.64 1.94
N ILE A 186 2.83 -17.02 1.42
CA ILE A 186 2.93 -17.58 0.05
C ILE A 186 2.16 -18.91 -0.04
N ASP A 187 2.18 -19.67 1.05
CA ASP A 187 1.47 -20.99 1.08
C ASP A 187 -0.04 -20.73 1.01
N LEU A 188 -0.50 -19.53 1.36
CA LEU A 188 -1.93 -19.17 1.25
C LEU A 188 -2.20 -18.48 -0.08
N ASP A 189 -1.28 -18.56 -1.05
CA ASP A 189 -1.49 -17.97 -2.39
C ASP A 189 -1.76 -16.47 -2.21
N LEU A 190 -0.98 -15.82 -1.34
CA LEU A 190 -0.93 -14.35 -1.21
C LEU A 190 0.38 -13.84 -1.79
N TYR A 191 0.36 -12.55 -2.11
CA TYR A 191 1.58 -11.87 -2.62
C TYR A 191 2.21 -11.05 -1.48
N ILE A 192 3.46 -10.66 -1.67
CA ILE A 192 4.21 -9.92 -0.62
C ILE A 192 4.62 -8.56 -1.20
N GLY A 193 4.18 -7.49 -0.54
CA GLY A 193 4.49 -6.13 -1.01
C GLY A 193 5.71 -5.55 -0.34
N PHE A 194 6.56 -4.90 -1.14
CA PHE A 194 7.77 -4.26 -0.57
C PHE A 194 7.79 -2.76 -0.82
N ASN A 195 7.96 -2.01 0.26
CA ASN A 195 8.19 -0.55 0.15
C ASN A 195 9.47 -0.28 0.96
N GLY A 196 9.79 0.99 1.18
CA GLY A 196 11.02 1.33 1.93
C GLY A 196 10.98 0.78 3.34
N CYS A 197 9.79 0.68 3.94
CA CYS A 197 9.66 0.17 5.32
C CYS A 197 9.99 -1.33 5.35
N SER A 198 9.94 -2.01 4.20
CA SER A 198 10.26 -3.44 4.07
C SER A 198 11.77 -3.67 4.02
N LEU A 199 12.57 -2.62 3.92
CA LEU A 199 13.99 -2.72 3.52
C LEU A 199 14.89 -2.06 4.55
N LYS A 200 14.39 -1.83 5.75
CA LYS A 200 15.17 -1.06 6.75
C LYS A 200 16.28 -1.88 7.40
N THR A 201 16.09 -3.16 7.62
CA THR A 201 17.11 -3.93 8.39
C THR A 201 17.89 -4.87 7.47
N GLU A 202 19.04 -5.33 7.92
CA GLU A 202 19.80 -6.37 7.20
C GLU A 202 18.97 -7.64 7.06
N ALA A 203 18.26 -8.01 8.12
CA ALA A 203 17.41 -9.21 8.06
C ALA A 203 16.33 -9.07 6.98
N ASN A 204 15.80 -7.86 6.82
CA ASN A 204 14.76 -7.62 5.79
C ASN A 204 15.32 -7.98 4.41
N LEU A 205 16.55 -7.57 4.15
CA LEU A 205 17.16 -7.81 2.81
C LEU A 205 17.36 -9.31 2.59
N GLU A 206 17.77 -10.02 3.63
CA GLU A 206 17.97 -11.48 3.51
C GLU A 206 16.63 -12.18 3.27
N VAL A 207 15.58 -11.75 3.96
CA VAL A 207 14.24 -12.37 3.78
C VAL A 207 13.80 -12.18 2.33
N LEU A 208 14.03 -10.98 1.77
CA LEU A 208 13.60 -10.69 0.38
C LEU A 208 14.19 -11.72 -0.57
N LYS A 209 15.43 -12.13 -0.33
CA LYS A 209 16.12 -13.04 -1.27
C LYS A 209 15.49 -14.45 -1.26
N SER A 210 14.69 -14.75 -0.24
CA SER A 210 14.01 -16.07 -0.17
C SER A 210 12.67 -16.04 -0.90
N ILE A 211 12.25 -14.88 -1.39
CA ILE A 211 10.89 -14.77 -2.00
C ILE A 211 11.00 -14.78 -3.53
N PRO A 212 10.25 -15.66 -4.22
CA PRO A 212 10.26 -15.65 -5.67
C PRO A 212 9.80 -14.33 -6.30
N SER A 213 10.38 -13.94 -7.41
CA SER A 213 10.00 -12.68 -8.11
C SER A 213 8.49 -12.64 -8.40
N GLU A 214 7.90 -13.77 -8.77
CA GLU A 214 6.48 -13.81 -9.18
C GLU A 214 5.57 -13.79 -7.98
N LYS A 215 6.10 -13.58 -6.76
CA LYS A 215 5.24 -13.41 -5.56
C LYS A 215 5.33 -12.00 -4.97
N LEU A 216 6.01 -11.08 -5.65
CA LEU A 216 6.30 -9.76 -5.06
C LEU A 216 5.47 -8.68 -5.72
N MET A 217 5.25 -7.60 -5.00
CA MET A 217 4.70 -6.37 -5.58
C MET A 217 5.49 -5.21 -4.99
N ILE A 218 5.39 -4.04 -5.63
CA ILE A 218 6.20 -2.86 -5.20
C ILE A 218 5.28 -1.67 -4.90
N GLU A 219 5.73 -0.79 -4.02
CA GLU A 219 4.89 0.32 -3.55
C GLU A 219 5.80 1.34 -2.85
N THR A 220 5.26 2.52 -2.60
CA THR A 220 6.03 3.53 -1.84
C THR A 220 5.39 3.84 -0.47
N ASP A 221 4.07 3.71 -0.36
CA ASP A 221 3.36 4.20 0.84
C ASP A 221 3.65 5.68 1.06
N ALA A 222 3.99 6.39 -0.01
CA ALA A 222 4.31 7.83 0.11
C ALA A 222 3.09 8.54 0.70
N PRO A 223 3.26 9.55 1.60
CA PRO A 223 4.54 10.20 1.84
C PRO A 223 5.42 9.55 2.92
N TRP A 224 5.05 8.33 3.31
CA TRP A 224 5.82 7.60 4.34
C TRP A 224 6.85 6.66 3.71
N CYS A 225 7.65 6.01 4.57
CA CYS A 225 8.58 4.94 4.13
C CYS A 225 9.66 5.42 3.16
N GLY A 226 10.04 6.69 3.21
CA GLY A 226 11.21 7.11 2.44
C GLY A 226 12.46 6.43 2.91
N VAL A 227 13.33 6.07 1.98
CA VAL A 227 14.59 5.39 2.34
C VAL A 227 15.60 6.41 2.87
N LYS A 228 16.11 6.14 4.05
CA LYS A 228 17.13 6.95 4.77
C LYS A 228 18.48 6.26 4.74
N SER A 229 19.57 7.02 4.98
CA SER A 229 20.92 6.43 5.01
C SER A 229 21.10 5.43 6.15
N THR A 230 20.24 5.49 7.17
CA THR A 230 20.28 4.58 8.32
C THR A 230 19.62 3.25 8.00
N HIS A 231 18.97 3.14 6.82
CA HIS A 231 18.34 1.86 6.42
C HIS A 231 19.34 0.98 5.69
N ALA A 232 19.22 -0.33 5.83
CA ALA A 232 20.22 -1.28 5.35
C ALA A 232 20.39 -1.26 3.83
N GLY A 233 19.35 -0.94 3.10
CA GLY A 233 19.35 -1.02 1.63
C GLY A 233 19.77 0.30 1.00
N SER A 234 19.99 1.38 1.78
CA SER A 234 20.20 2.72 1.19
C SER A 234 21.41 2.73 0.23
N LYS A 235 22.47 1.99 0.57
CA LYS A 235 23.71 1.92 -0.25
C LYS A 235 23.44 1.44 -1.66
N TYR A 236 22.29 0.80 -1.87
CA TYR A 236 22.02 0.22 -3.22
C TYR A 236 21.27 1.19 -4.15
N ILE A 237 20.79 2.29 -3.60
CA ILE A 237 20.01 3.25 -4.45
C ILE A 237 20.92 3.80 -5.54
N ARG A 238 20.39 3.90 -6.77
CA ARG A 238 21.19 4.42 -7.91
C ARG A 238 20.66 5.78 -8.38
N THR A 239 19.41 6.10 -8.06
CA THR A 239 18.78 7.36 -8.55
C THR A 239 18.48 8.29 -7.39
N ALA A 240 19.00 9.51 -7.42
CA ALA A 240 18.59 10.54 -6.47
C ALA A 240 17.75 11.59 -7.20
N PHE A 241 16.90 12.27 -6.45
CA PHE A 241 16.02 13.33 -6.98
C PHE A 241 16.45 14.65 -6.40
N PRO A 242 16.42 15.72 -7.22
CA PRO A 242 16.55 17.09 -6.68
C PRO A 242 15.58 17.32 -5.54
N THR A 243 16.14 17.70 -4.40
CA THR A 243 15.35 17.81 -3.15
C THR A 243 15.77 19.03 -2.35
N LYS A 244 14.81 19.68 -1.69
CA LYS A 244 15.12 20.84 -0.81
C LYS A 244 14.55 20.58 0.59
N LYS A 245 15.13 21.20 1.61
CA LYS A 245 14.59 21.12 2.99
C LYS A 245 13.38 22.05 3.06
N LYS A 246 13.49 23.19 2.41
CA LYS A 246 12.40 24.20 2.34
C LYS A 246 11.92 24.24 0.89
N TRP A 247 10.62 24.01 0.70
CA TRP A 247 10.03 23.75 -0.63
C TRP A 247 10.54 24.70 -1.70
N GLU A 248 10.84 24.16 -2.87
CA GLU A 248 11.10 24.95 -4.09
C GLU A 248 10.51 24.18 -5.27
N SER A 249 9.99 24.89 -6.26
CA SER A 249 9.48 24.27 -7.50
C SER A 249 10.50 23.33 -8.14
N GLY A 250 10.03 22.19 -8.68
CA GLY A 250 10.88 21.22 -9.39
C GLY A 250 11.62 20.29 -8.45
N HIS A 251 11.40 20.45 -7.16
CA HIS A 251 12.18 19.66 -6.17
C HIS A 251 11.27 18.89 -5.25
N CYS A 252 11.71 17.69 -4.87
CA CYS A 252 11.08 16.99 -3.77
C CYS A 252 11.35 17.74 -2.47
N LEU A 253 10.62 17.39 -1.42
CA LEU A 253 10.85 18.00 -0.10
C LEU A 253 11.50 16.96 0.81
N LYS A 254 12.53 17.35 1.53
CA LYS A 254 13.19 16.42 2.46
C LYS A 254 12.14 15.82 3.42
N ASP A 255 12.16 14.50 3.56
CA ASP A 255 11.28 13.81 4.55
C ASP A 255 9.86 13.61 4.01
N ARG A 256 9.56 14.09 2.81
CA ARG A 256 8.25 13.78 2.19
C ARG A 256 8.51 12.78 1.06
N ASN A 257 8.20 11.50 1.29
CA ASN A 257 8.36 10.50 0.21
C ASN A 257 7.34 10.73 -0.91
N GLU A 258 7.69 10.32 -2.13
CA GLU A 258 6.78 10.52 -3.26
C GLU A 258 6.68 9.27 -4.07
N PRO A 259 5.67 9.15 -4.94
CA PRO A 259 5.60 7.99 -5.81
C PRO A 259 6.82 7.83 -6.72
N CYS A 260 7.46 8.93 -7.15
CA CYS A 260 8.65 8.83 -8.00
C CYS A 260 9.76 8.03 -7.31
N HIS A 261 9.78 7.99 -5.98
CA HIS A 261 10.81 7.24 -5.23
C HIS A 261 10.60 5.74 -5.37
N ILE A 262 9.55 5.27 -6.02
CA ILE A 262 9.41 3.81 -6.24
C ILE A 262 10.61 3.27 -7.00
N ILE A 263 11.26 4.07 -7.84
CA ILE A 263 12.47 3.59 -8.55
C ILE A 263 13.57 3.24 -7.56
N GLN A 264 13.66 3.92 -6.41
CA GLN A 264 14.71 3.60 -5.43
C GLN A 264 14.44 2.22 -4.84
N ILE A 265 13.15 1.97 -4.58
CA ILE A 265 12.75 0.63 -4.03
C ILE A 265 13.13 -0.45 -5.04
N LEU A 266 12.88 -0.24 -6.32
CA LEU A 266 13.25 -1.21 -7.36
C LEU A 266 14.77 -1.38 -7.37
N GLU A 267 15.51 -0.30 -7.23
CA GLU A 267 16.99 -0.40 -7.32
C GLU A 267 17.53 -1.24 -6.15
N ILE A 268 16.98 -1.03 -4.96
CA ILE A 268 17.40 -1.81 -3.77
C ILE A 268 17.04 -3.28 -3.98
N MET A 269 15.81 -3.53 -4.38
CA MET A 269 15.39 -4.96 -4.51
C MET A 269 16.25 -5.65 -5.58
N SER A 270 16.48 -4.99 -6.70
CA SER A 270 17.27 -5.59 -7.81
C SER A 270 18.70 -5.86 -7.37
N ALA A 271 19.29 -4.90 -6.66
CA ALA A 271 20.66 -5.06 -6.17
C ALA A 271 20.77 -6.17 -5.13
N VAL A 272 19.87 -6.23 -4.18
CA VAL A 272 19.89 -7.24 -3.11
C VAL A 272 19.75 -8.64 -3.74
N ARG A 273 18.81 -8.76 -4.67
CA ARG A 273 18.51 -10.08 -5.30
C ARG A 273 19.52 -10.37 -6.43
N ASP A 274 20.34 -9.39 -6.82
CA ASP A 274 21.27 -9.44 -7.99
C ASP A 274 20.49 -9.85 -9.24
N GLU A 275 19.39 -9.16 -9.51
CA GLU A 275 18.45 -9.43 -10.59
C GLU A 275 18.45 -8.28 -11.56
N ASP A 276 18.29 -8.55 -12.86
CA ASP A 276 18.19 -7.46 -13.83
C ASP A 276 17.02 -6.56 -13.43
N PRO A 277 17.20 -5.23 -13.34
CA PRO A 277 16.13 -4.38 -12.87
C PRO A 277 14.92 -4.35 -13.79
N LEU A 278 15.13 -4.34 -15.11
CA LEU A 278 14.01 -4.30 -16.05
C LEU A 278 13.24 -5.62 -15.95
N GLU A 279 13.92 -6.77 -15.90
CA GLU A 279 13.21 -8.05 -15.76
C GLU A 279 12.40 -8.05 -14.46
N LEU A 280 13.00 -7.60 -13.38
CA LEU A 280 12.27 -7.60 -12.09
C LEU A 280 11.11 -6.61 -12.14
N ALA A 281 11.33 -5.42 -12.66
CA ALA A 281 10.22 -4.44 -12.74
C ALA A 281 9.08 -4.97 -13.61
N ASN A 282 9.40 -5.62 -14.71
CA ASN A 282 8.32 -6.20 -15.55
C ASN A 282 7.55 -7.28 -14.80
N THR A 283 8.28 -8.11 -14.05
CA THR A 283 7.60 -9.18 -13.29
C THR A 283 6.71 -8.54 -12.20
N LEU A 284 7.23 -7.55 -11.47
CA LEU A 284 6.42 -6.88 -10.43
C LEU A 284 5.15 -6.28 -11.02
N TYR A 285 5.29 -5.67 -12.19
CA TYR A 285 4.13 -5.03 -12.86
C TYR A 285 3.11 -6.11 -13.23
N ASN A 286 3.59 -7.18 -13.87
CA ASN A 286 2.71 -8.27 -14.34
CA ASN A 286 2.71 -8.27 -14.34
C ASN A 286 1.97 -8.96 -13.17
N ASN A 287 2.70 -9.15 -12.04
CA ASN A 287 2.06 -9.74 -10.83
C ASN A 287 0.88 -8.83 -10.40
N THR A 288 1.13 -7.51 -10.41
CA THR A 288 0.14 -6.53 -9.94
C THR A 288 -1.08 -6.54 -10.88
N ILE A 289 -0.83 -6.57 -12.19
CA ILE A 289 -1.95 -6.66 -13.18
C ILE A 289 -2.77 -7.93 -12.91
N LYS A 290 -2.08 -9.05 -12.69
CA LYS A 290 -2.78 -10.36 -12.55
C LYS A 290 -3.75 -10.28 -11.37
N VAL A 291 -3.35 -9.61 -10.28
CA VAL A 291 -4.19 -9.61 -9.05
C VAL A 291 -5.23 -8.49 -9.11
N PHE A 292 -4.82 -7.26 -9.44
CA PHE A 292 -5.69 -6.08 -9.29
C PHE A 292 -6.27 -5.57 -10.61
N PHE A 293 -5.73 -5.96 -11.76
CA PHE A 293 -6.23 -5.45 -13.07
C PHE A 293 -6.43 -6.61 -14.03
N PRO A 294 -7.06 -7.71 -13.60
CA PRO A 294 -7.12 -8.90 -14.46
C PRO A 294 -7.90 -8.65 -15.77
N GLY A 295 -8.82 -7.69 -15.78
CA GLY A 295 -9.57 -7.33 -17.00
C GLY A 295 -8.66 -7.29 -18.23
#